data_5J54
#
_entry.id   5J54
#
_cell.length_a   93.569
_cell.length_b   100.143
_cell.length_c   145.600
_cell.angle_alpha   90.000
_cell.angle_beta   90.000
_cell.angle_gamma   90.000
#
_symmetry.space_group_name_H-M   'I 2 2 2'
#
loop_
_entity.id
_entity.type
_entity.pdbx_description
1 polymer 'Carotenoid oxygenase'
2 non-polymer 'FE (III) ION'
3 non-polymer 'OXYGEN MOLECULE'
4 non-polymer RESVERATROL
5 water water
#
_entity_poly.entity_id   1
_entity_poly.type   'polypeptide(L)'
_entity_poly.pdbx_seq_one_letter_code
;MAQFPNTPSFTGFNTPSRIEADIADLAHEGTIPQGLNGAFYRVQPDPQFPPRLDDDIAFNGDGMITRFHIHDGQVDFRQR
WAKTDKWKLENAAGKALFGAYRNPLTDDEAVKGEIRSTANTNAFVFGGKLWAMKEDSPALVMDPATMETFGFEKFGGKMT
GQTFTAHPKVDPKTGNMVAIGYAASGLCTDDVTYMEVSPEGELVREVWFKVPYYCMMHDFGITEDYLVLHIVPSIGSWER
LEQGKPHFGFDTTMPVHLGIIPRRDGVRQEDIRWFTRDNCFASHVLNAWQEGTKIHFVTCEAKNNMFPFFPDVHGAPFNG
MEAMSHPTDWVVDMASNGEDFAGIVKLSDTAAEFPRIDDRFTGQKTRHGWFLEMDMKRPVELRGGSAGGLLMNCLFHKDF
ETGREQHWWCGPVSSLQEPCFVPRAKDAPEGDGWIVQVCNRLEEQRSDLLIFDALDIEKGPVATVNIPIRLRFGLHGNWA
NADEIGLAEKVLAA
;
_entity_poly.pdbx_strand_id   A
#
loop_
_chem_comp.id
_chem_comp.type
_chem_comp.name
_chem_comp.formula
FE non-polymer 'FE (III) ION' 'Fe 3'
OXY non-polymer 'OXYGEN MOLECULE' O2
STL non-polymer RESVERATROL 'C14 H12 O3'
#
# COMPACT_ATOMS: atom_id res chain seq x y z
N ALA A 2 -0.98 -27.14 13.29
CA ALA A 2 -1.48 -26.12 14.21
C ALA A 2 -2.99 -25.94 14.08
N GLN A 3 -3.70 -25.69 15.17
CA GLN A 3 -5.14 -25.50 15.13
C GLN A 3 -5.45 -24.00 15.09
N PHE A 4 -6.03 -23.55 13.99
CA PHE A 4 -6.37 -22.13 13.88
C PHE A 4 -7.82 -21.89 14.25
N PRO A 5 -8.18 -20.65 14.58
CA PRO A 5 -9.57 -20.36 14.99
C PRO A 5 -10.54 -20.60 13.84
N ASN A 6 -11.76 -20.94 14.21
CA ASN A 6 -12.83 -21.14 13.23
C ASN A 6 -13.63 -19.85 13.10
N THR A 7 -13.00 -18.86 12.48
CA THR A 7 -13.57 -17.54 12.33
C THR A 7 -13.36 -17.06 10.90
N PRO A 8 -14.08 -16.02 10.47
CA PRO A 8 -13.94 -15.57 9.07
C PRO A 8 -12.53 -15.12 8.73
N SER A 9 -11.75 -14.67 9.72
CA SER A 9 -10.39 -14.21 9.46
C SER A 9 -9.42 -15.36 9.19
N PHE A 10 -9.82 -16.61 9.40
CA PHE A 10 -8.93 -17.74 9.23
C PHE A 10 -9.58 -18.87 8.43
N THR A 11 -10.72 -18.60 7.78
CA THR A 11 -11.42 -19.60 6.98
C THR A 11 -11.78 -19.03 5.63
N GLY A 12 -12.31 -19.90 4.77
CA GLY A 12 -12.64 -19.51 3.41
C GLY A 12 -11.44 -18.93 2.69
N PHE A 13 -11.65 -17.74 2.07
CA PHE A 13 -10.57 -17.06 1.37
C PHE A 13 -9.42 -16.73 2.30
N ASN A 14 -9.68 -16.64 3.60
CA ASN A 14 -8.67 -16.34 4.61
C ASN A 14 -8.10 -17.60 5.28
N THR A 15 -8.30 -18.76 4.68
CA THR A 15 -7.64 -19.95 5.19
C THR A 15 -6.12 -19.74 5.18
N PRO A 16 -5.41 -20.16 6.22
CA PRO A 16 -3.94 -19.98 6.20
C PRO A 16 -3.31 -20.75 5.05
N SER A 17 -2.21 -20.20 4.53
CA SER A 17 -1.50 -20.81 3.42
C SER A 17 -0.09 -21.15 3.86
N ARG A 18 0.77 -20.13 4.06
CA ARG A 18 2.09 -20.31 4.69
C ARG A 18 3.05 -21.08 3.78
N ILE A 19 2.81 -21.05 2.49
CA ILE A 19 3.61 -21.79 1.51
C ILE A 19 4.82 -20.97 1.07
N GLU A 20 6.01 -21.56 1.20
CA GLU A 20 7.19 -21.09 0.46
C GLU A 20 7.43 -22.04 -0.72
N ALA A 21 7.68 -21.48 -1.90
CA ALA A 21 7.63 -22.32 -3.10
C ALA A 21 8.41 -21.71 -4.24
N ASP A 22 8.71 -22.57 -5.23
CA ASP A 22 9.26 -22.17 -6.51
C ASP A 22 8.53 -22.93 -7.61
N ILE A 23 8.16 -22.23 -8.68
CA ILE A 23 7.60 -22.86 -9.86
C ILE A 23 8.21 -22.17 -11.08
N ALA A 24 8.72 -22.96 -12.01
CA ALA A 24 9.24 -22.43 -13.27
C ALA A 24 8.17 -22.51 -14.35
N ASP A 25 8.03 -21.41 -15.11
CA ASP A 25 7.28 -21.38 -16.37
C ASP A 25 5.82 -21.82 -16.14
N LEU A 26 5.10 -20.97 -15.42
CA LEU A 26 3.70 -21.24 -15.08
C LEU A 26 2.87 -21.48 -16.34
N ALA A 27 1.90 -22.38 -16.24
CA ALA A 27 1.01 -22.60 -17.39
C ALA A 27 0.21 -21.33 -17.66
N HIS A 28 -0.07 -21.06 -18.94
CA HIS A 28 -0.72 -19.82 -19.27
C HIS A 28 -1.56 -19.99 -20.52
N GLU A 29 -2.43 -19.00 -20.74
CA GLU A 29 -3.14 -18.77 -21.98
C GLU A 29 -2.78 -17.41 -22.53
N GLY A 30 -2.91 -17.24 -23.84
CA GLY A 30 -2.55 -15.99 -24.49
C GLY A 30 -1.06 -15.85 -24.71
N THR A 31 -0.58 -14.62 -24.78
CA THR A 31 0.81 -14.33 -25.11
C THR A 31 1.43 -13.46 -24.03
N ILE A 32 2.45 -13.98 -23.38
CA ILE A 32 3.21 -13.19 -22.41
C ILE A 32 4.13 -12.27 -23.22
N PRO A 33 4.01 -10.95 -23.08
CA PRO A 33 4.85 -10.04 -23.86
C PRO A 33 6.34 -10.32 -23.69
N GLN A 34 7.02 -10.51 -24.82
CA GLN A 34 8.48 -10.65 -24.82
C GLN A 34 9.17 -9.44 -24.22
N GLY A 35 8.54 -8.26 -24.29
CA GLY A 35 9.15 -7.05 -23.79
C GLY A 35 9.28 -7.00 -22.27
N LEU A 36 8.57 -7.86 -21.55
CA LEU A 36 8.64 -7.85 -20.09
C LEU A 36 9.89 -8.58 -19.62
N ASN A 37 10.71 -7.92 -18.79
CA ASN A 37 11.93 -8.56 -18.31
C ASN A 37 12.23 -7.95 -16.94
N GLY A 38 11.75 -8.62 -15.92
CA GLY A 38 11.86 -8.09 -14.57
C GLY A 38 10.94 -8.90 -13.69
N ALA A 39 10.49 -8.29 -12.60
CA ALA A 39 9.70 -9.04 -11.64
C ALA A 39 8.70 -8.15 -10.94
N PHE A 40 7.50 -8.71 -10.73
CA PHE A 40 6.43 -8.14 -9.96
C PHE A 40 6.44 -8.78 -8.57
N TYR A 41 6.64 -7.96 -7.55
CA TYR A 41 6.62 -8.38 -6.16
C TYR A 41 5.34 -7.92 -5.48
N ARG A 42 4.75 -8.79 -4.66
CA ARG A 42 3.59 -8.40 -3.88
C ARG A 42 3.65 -9.17 -2.56
N VAL A 43 2.90 -8.70 -1.59
CA VAL A 43 2.92 -9.26 -0.25
C VAL A 43 1.51 -9.61 0.19
N GLN A 44 1.39 -10.76 0.85
CA GLN A 44 0.15 -11.16 1.49
C GLN A 44 0.38 -11.38 2.97
N PRO A 45 -0.47 -10.82 3.84
CA PRO A 45 -0.49 -11.26 5.24
C PRO A 45 -0.85 -12.74 5.32
N ASP A 46 -0.12 -13.48 6.11
CA ASP A 46 -0.26 -14.93 6.16
C ASP A 46 0.26 -15.41 7.50
N PRO A 47 -0.59 -15.76 8.47
CA PRO A 47 -0.09 -16.01 9.83
C PRO A 47 0.80 -17.24 9.91
N GLN A 48 2.00 -17.08 10.48
CA GLN A 48 2.82 -18.25 10.73
C GLN A 48 2.19 -19.16 11.80
N PHE A 49 1.56 -18.57 12.81
CA PHE A 49 0.95 -19.30 13.91
C PHE A 49 -0.47 -18.83 14.17
N PRO A 50 -1.30 -19.66 14.80
CA PRO A 50 -2.57 -19.16 15.29
C PRO A 50 -2.37 -17.98 16.21
N PRO A 51 -3.31 -17.05 16.24
CA PRO A 51 -3.08 -15.82 17.01
C PRO A 51 -3.12 -16.11 18.50
N ARG A 52 -2.47 -15.23 19.27
CA ARG A 52 -2.56 -15.33 20.72
C ARG A 52 -3.99 -15.16 21.19
N LEU A 53 -4.71 -14.24 20.59
CA LEU A 53 -6.07 -13.98 21.02
C LEU A 53 -7.03 -14.82 20.18
N ASP A 54 -8.30 -14.84 20.58
CA ASP A 54 -9.25 -15.76 19.95
C ASP A 54 -9.38 -15.48 18.47
N ASP A 55 -9.18 -14.24 18.07
CA ASP A 55 -9.35 -13.87 16.68
C ASP A 55 -8.29 -12.82 16.34
N ASP A 56 -8.25 -12.46 15.07
CA ASP A 56 -7.29 -11.47 14.63
C ASP A 56 -7.87 -10.91 13.36
N ILE A 57 -7.31 -9.81 12.88
CA ILE A 57 -7.74 -9.22 11.64
C ILE A 57 -6.71 -9.53 10.56
N ALA A 58 -7.06 -9.20 9.31
CA ALA A 58 -6.25 -9.55 8.14
C ALA A 58 -5.00 -8.70 8.04
N PHE A 59 -5.13 -7.41 8.31
CA PHE A 59 -3.95 -6.57 8.33
C PHE A 59 -2.87 -7.10 9.28
N ASN A 60 -3.12 -8.15 10.11
CA ASN A 60 -2.15 -8.50 11.15
C ASN A 60 -1.36 -9.76 10.85
N GLY A 61 -1.56 -10.39 9.69
CA GLY A 61 -0.81 -11.59 9.39
C GLY A 61 0.63 -11.30 8.98
N ASP A 62 1.51 -12.25 9.30
CA ASP A 62 2.91 -12.16 8.89
C ASP A 62 3.05 -11.98 7.37
N GLY A 63 4.02 -11.16 6.97
CA GLY A 63 4.20 -10.89 5.55
C GLY A 63 4.80 -12.07 4.83
N MET A 64 4.14 -12.51 3.75
CA MET A 64 4.67 -13.52 2.83
C MET A 64 4.83 -12.86 1.47
N ILE A 65 6.05 -12.90 0.92
CA ILE A 65 6.43 -12.18 -0.29
C ILE A 65 6.34 -13.11 -1.49
N THR A 66 5.63 -12.66 -2.53
CA THR A 66 5.48 -13.36 -3.79
C THR A 66 6.21 -12.59 -4.87
N ARG A 67 6.95 -13.30 -5.71
CA ARG A 67 7.61 -12.70 -6.86
C ARG A 67 7.24 -13.46 -8.12
N PHE A 68 6.83 -12.72 -9.14
CA PHE A 68 6.61 -13.22 -10.49
C PHE A 68 7.71 -12.68 -11.36
N HIS A 69 8.67 -13.54 -11.73
CA HIS A 69 9.77 -13.18 -12.60
C HIS A 69 9.32 -13.43 -14.04
N ILE A 70 9.09 -12.35 -14.78
CA ILE A 70 8.62 -12.43 -16.15
C ILE A 70 9.81 -12.17 -17.07
N HIS A 71 10.14 -13.14 -17.93
CA HIS A 71 11.25 -13.01 -18.85
C HIS A 71 11.05 -13.98 -20.00
N ASP A 72 11.52 -13.60 -21.19
CA ASP A 72 11.54 -14.48 -22.35
C ASP A 72 10.17 -15.15 -22.58
N GLY A 73 9.09 -14.43 -22.30
CA GLY A 73 7.79 -15.00 -22.54
C GLY A 73 7.34 -16.07 -21.57
N GLN A 74 7.92 -16.11 -20.36
CA GLN A 74 7.47 -17.04 -19.35
C GLN A 74 7.38 -16.31 -18.01
N VAL A 75 6.67 -16.92 -17.07
CA VAL A 75 6.56 -16.38 -15.72
C VAL A 75 7.01 -17.48 -14.76
N ASP A 76 7.99 -17.16 -13.92
CA ASP A 76 8.42 -18.00 -12.80
C ASP A 76 7.87 -17.42 -11.51
N PHE A 77 7.67 -18.30 -10.53
CA PHE A 77 7.02 -17.99 -9.27
C PHE A 77 7.98 -18.33 -8.13
N ARG A 78 8.16 -17.38 -7.20
CA ARG A 78 8.92 -17.65 -6.00
C ARG A 78 8.21 -16.97 -4.84
N GLN A 79 8.08 -17.68 -3.72
CA GLN A 79 7.42 -17.14 -2.55
C GLN A 79 8.21 -17.47 -1.30
N ARG A 80 8.41 -16.46 -0.45
CA ARG A 80 9.23 -16.62 0.75
C ARG A 80 8.69 -15.73 1.87
N TRP A 81 8.92 -16.19 3.09
CA TRP A 81 8.59 -15.37 4.25
C TRP A 81 9.48 -14.15 4.32
N ALA A 82 8.89 -13.03 4.74
CA ALA A 82 9.65 -11.89 5.23
C ALA A 82 10.07 -12.18 6.66
N LYS A 83 11.34 -12.48 6.89
CA LYS A 83 11.75 -12.96 8.21
C LYS A 83 12.05 -11.79 9.15
N THR A 84 10.96 -11.17 9.58
CA THR A 84 10.99 -10.13 10.60
C THR A 84 11.52 -10.67 11.93
N ASP A 85 11.83 -9.76 12.85
CA ASP A 85 12.16 -10.22 14.20
C ASP A 85 10.99 -11.00 14.80
N LYS A 86 9.77 -10.52 14.56
CA LYS A 86 8.60 -11.23 15.03
C LYS A 86 8.60 -12.66 14.50
N TRP A 87 8.80 -12.81 13.21
CA TRP A 87 8.77 -14.12 12.59
C TRP A 87 9.81 -15.02 13.20
N LYS A 88 11.02 -14.48 13.44
CA LYS A 88 12.10 -15.29 13.99
C LYS A 88 11.82 -15.69 15.42
N LEU A 89 11.36 -14.74 16.23
CA LEU A 89 11.06 -15.02 17.63
C LEU A 89 9.96 -16.05 17.77
N GLU A 90 8.89 -15.91 16.99
CA GLU A 90 7.79 -16.85 17.10
C GLU A 90 8.19 -18.22 16.54
N ASN A 91 8.96 -18.23 15.45
CA ASN A 91 9.46 -19.49 14.91
C ASN A 91 10.25 -20.26 15.96
N ALA A 92 11.14 -19.59 16.69
CA ALA A 92 11.92 -20.26 17.74
C ALA A 92 11.04 -20.74 18.90
N ALA A 93 10.03 -19.96 19.26
CA ALA A 93 9.19 -20.32 20.40
C ALA A 93 8.15 -21.37 20.02
N GLY A 94 7.86 -21.53 18.74
CA GLY A 94 6.85 -22.48 18.33
C GLY A 94 5.43 -22.00 18.52
N LYS A 95 5.22 -20.69 18.66
CA LYS A 95 3.90 -20.19 18.99
C LYS A 95 3.87 -18.67 18.83
N ALA A 96 2.66 -18.14 18.74
CA ALA A 96 2.50 -16.69 18.72
C ALA A 96 3.00 -16.08 20.02
N LEU A 97 3.72 -14.96 19.88
CA LEU A 97 4.18 -14.15 21.02
C LEU A 97 3.63 -12.73 20.98
N PHE A 98 3.45 -12.17 19.80
CA PHE A 98 2.86 -10.85 19.66
C PHE A 98 1.36 -10.99 19.50
N GLY A 99 0.64 -10.00 20.01
CA GLY A 99 -0.80 -10.07 20.03
C GLY A 99 -1.55 -9.31 18.95
N ALA A 100 -2.49 -8.48 19.38
CA ALA A 100 -3.41 -7.83 18.47
C ALA A 100 -2.74 -6.69 17.70
N TYR A 101 -3.40 -6.29 16.62
CA TYR A 101 -2.87 -5.28 15.71
C TYR A 101 -2.49 -3.99 16.43
N ARG A 102 -1.20 -3.65 16.38
CA ARG A 102 -0.72 -2.37 16.92
C ARG A 102 -1.08 -2.21 18.40
N ASN A 103 -1.04 -3.31 19.15
CA ASN A 103 -1.38 -3.29 20.58
C ASN A 103 -0.39 -4.09 21.39
N PRO A 104 0.70 -3.44 21.86
CA PRO A 104 1.71 -4.13 22.67
C PRO A 104 1.21 -4.62 23.99
N LEU A 105 0.08 -4.09 24.48
CA LEU A 105 -0.46 -4.51 25.75
C LEU A 105 -1.06 -5.91 25.65
N THR A 106 -1.12 -6.47 24.45
CA THR A 106 -1.58 -7.85 24.28
C THR A 106 -0.43 -8.79 23.90
N ASP A 107 0.82 -8.34 23.96
CA ASP A 107 1.98 -9.17 23.67
C ASP A 107 2.45 -9.94 24.90
N ASP A 108 3.07 -11.08 24.63
CA ASP A 108 3.82 -11.82 25.65
C ASP A 108 4.91 -10.92 26.25
N GLU A 109 5.06 -10.96 27.58
CA GLU A 109 6.09 -10.17 28.27
C GLU A 109 7.48 -10.43 27.69
N ALA A 110 7.73 -11.65 27.22
CA ALA A 110 9.03 -12.02 26.67
C ALA A 110 9.42 -11.20 25.44
N VAL A 111 8.49 -10.55 24.75
CA VAL A 111 8.88 -9.75 23.57
C VAL A 111 8.67 -8.26 23.81
N LYS A 112 8.59 -7.84 25.06
CA LYS A 112 8.54 -6.41 25.38
C LYS A 112 9.69 -5.67 24.70
N GLY A 113 9.37 -4.57 24.02
CA GLY A 113 10.39 -3.75 23.41
C GLY A 113 10.86 -4.25 22.04
N GLU A 114 10.41 -5.41 21.59
CA GLU A 114 10.83 -5.90 20.28
C GLU A 114 10.05 -5.19 19.17
N ILE A 115 10.67 -5.12 17.99
CA ILE A 115 9.98 -4.58 16.82
C ILE A 115 8.82 -5.50 16.45
N ARG A 116 7.62 -4.92 16.28
CA ARG A 116 6.40 -5.69 16.11
C ARG A 116 6.06 -5.96 14.64
N SER A 117 6.84 -5.42 13.72
CA SER A 117 6.51 -5.47 12.28
C SER A 117 6.23 -6.89 11.79
N THR A 118 5.16 -7.00 11.00
CA THR A 118 4.87 -8.13 10.14
C THR A 118 5.37 -7.95 8.71
N ALA A 119 5.90 -6.76 8.38
CA ALA A 119 6.40 -6.46 7.04
C ALA A 119 5.43 -6.91 5.97
N ASN A 120 4.15 -6.63 6.17
CA ASN A 120 3.11 -7.28 5.38
C ASN A 120 2.32 -6.34 4.46
N THR A 121 2.73 -5.08 4.27
CA THR A 121 1.90 -4.10 3.59
C THR A 121 2.41 -3.71 2.20
N ASN A 122 3.71 -3.70 1.98
CA ASN A 122 4.24 -3.39 0.66
C ASN A 122 5.50 -4.19 0.44
N ALA A 123 5.76 -4.52 -0.83
CA ALA A 123 6.97 -5.18 -1.28
C ALA A 123 7.52 -4.29 -2.38
N PHE A 124 8.61 -3.58 -2.09
CA PHE A 124 9.08 -2.45 -2.88
C PHE A 124 10.55 -2.65 -3.18
N VAL A 125 10.96 -2.42 -4.42
CA VAL A 125 12.36 -2.54 -4.83
C VAL A 125 12.99 -1.16 -4.93
N PHE A 126 14.15 -0.99 -4.32
CA PHE A 126 14.84 0.29 -4.31
C PHE A 126 16.27 0.09 -3.87
N GLY A 127 17.19 0.75 -4.57
CA GLY A 127 18.58 0.72 -4.15
C GLY A 127 19.17 -0.66 -4.07
N GLY A 128 18.76 -1.57 -4.96
CA GLY A 128 19.30 -2.92 -4.97
C GLY A 128 18.74 -3.83 -3.89
N LYS A 129 17.79 -3.38 -3.09
CA LYS A 129 17.20 -4.17 -2.03
C LYS A 129 15.70 -4.32 -2.27
N LEU A 130 15.14 -5.38 -1.71
CA LEU A 130 13.70 -5.57 -1.64
C LEU A 130 13.28 -5.14 -0.25
N TRP A 131 12.30 -4.25 -0.18
CA TRP A 131 11.83 -3.65 1.05
C TRP A 131 10.47 -4.23 1.36
N ALA A 132 10.36 -4.94 2.49
CA ALA A 132 9.10 -5.48 2.99
C ALA A 132 8.68 -4.58 4.15
N MET A 133 7.59 -3.86 3.95
CA MET A 133 7.33 -2.66 4.73
C MET A 133 6.08 -2.80 5.58
N LYS A 134 6.16 -2.14 6.76
CA LYS A 134 5.04 -2.06 7.69
C LYS A 134 5.23 -0.79 8.52
N GLU A 135 4.22 0.08 8.51
CA GLU A 135 4.36 1.48 8.94
C GLU A 135 4.55 1.67 10.43
N ASP A 136 4.54 0.62 11.25
CA ASP A 136 4.79 0.74 12.69
C ASP A 136 6.24 0.49 13.06
N SER A 137 7.13 0.33 12.08
CA SER A 137 8.46 -0.19 12.33
C SER A 137 9.38 0.30 11.22
N PRO A 138 10.68 0.15 11.38
CA PRO A 138 11.57 0.24 10.23
C PRO A 138 11.18 -0.80 9.20
N ALA A 139 11.54 -0.53 7.95
CA ALA A 139 11.31 -1.51 6.90
C ALA A 139 12.28 -2.69 7.03
N LEU A 140 11.82 -3.85 6.59
CA LEU A 140 12.67 -5.04 6.52
C LEU A 140 13.29 -5.07 5.13
N VAL A 141 14.61 -5.25 5.02
CA VAL A 141 15.22 -5.34 3.71
C VAL A 141 15.64 -6.79 3.44
N MET A 142 15.52 -7.18 2.17
CA MET A 142 15.69 -8.53 1.69
C MET A 142 16.49 -8.46 0.39
N ASP A 143 17.00 -9.61 -0.02
CA ASP A 143 17.71 -9.73 -1.30
C ASP A 143 16.68 -9.92 -2.41
N PRO A 144 16.62 -9.06 -3.42
CA PRO A 144 15.56 -9.21 -4.41
C PRO A 144 15.70 -10.46 -5.26
N ALA A 145 16.89 -11.05 -5.32
CA ALA A 145 17.10 -12.22 -6.17
C ALA A 145 16.89 -13.54 -5.42
N THR A 146 17.58 -13.72 -4.30
CA THR A 146 17.37 -14.92 -3.48
C THR A 146 16.12 -14.83 -2.64
N MET A 147 15.70 -13.61 -2.30
CA MET A 147 14.58 -13.35 -1.40
C MET A 147 14.88 -13.84 0.02
N GLU A 148 16.16 -13.96 0.34
CA GLU A 148 16.55 -14.10 1.73
C GLU A 148 16.33 -12.78 2.46
N THR A 149 16.25 -12.85 3.78
CA THR A 149 16.06 -11.63 4.59
C THR A 149 17.39 -11.15 5.16
N PHE A 150 17.64 -9.84 5.06
CA PHE A 150 18.79 -9.27 5.75
C PHE A 150 18.44 -8.87 7.20
N GLY A 151 17.43 -8.03 7.36
CA GLY A 151 17.06 -7.50 8.66
C GLY A 151 16.42 -6.14 8.49
N PHE A 152 16.17 -5.47 9.62
CA PHE A 152 15.51 -4.18 9.56
C PHE A 152 16.51 -3.11 9.14
N GLU A 153 16.04 -2.16 8.31
CA GLU A 153 16.88 -1.06 7.82
C GLU A 153 16.79 0.10 8.80
N LYS A 154 17.83 0.27 9.60
CA LYS A 154 17.95 1.42 10.48
C LYS A 154 19.02 2.39 9.99
N PHE A 155 19.53 2.20 8.78
CA PHE A 155 20.51 3.09 8.21
C PHE A 155 21.71 3.23 9.14
N GLY A 156 22.15 2.09 9.69
CA GLY A 156 23.32 2.09 10.54
C GLY A 156 23.15 2.78 11.86
N GLY A 157 21.91 3.07 12.26
CA GLY A 157 21.65 3.83 13.47
C GLY A 157 21.43 5.30 13.23
N LYS A 158 21.56 5.78 11.98
CA LYS A 158 21.32 7.20 11.72
C LYS A 158 19.84 7.53 11.81
N MET A 159 18.96 6.56 11.53
CA MET A 159 17.54 6.78 11.72
C MET A 159 17.25 6.93 13.21
N THR A 160 16.57 8.02 13.58
CA THR A 160 16.24 8.24 14.97
C THR A 160 14.76 8.01 15.27
N GLY A 161 13.92 8.00 14.24
CA GLY A 161 12.54 7.64 14.43
C GLY A 161 12.37 6.14 14.55
N GLN A 162 11.25 5.75 15.15
CA GLN A 162 10.91 4.35 15.37
C GLN A 162 10.25 3.70 14.16
N THR A 163 9.83 4.47 13.16
CA THR A 163 8.94 3.93 12.14
C THR A 163 9.33 4.40 10.75
N PHE A 164 8.76 3.71 9.76
CA PHE A 164 9.03 3.96 8.35
C PHE A 164 7.81 3.52 7.58
N THR A 165 7.39 4.35 6.63
CA THR A 165 6.14 4.16 5.89
C THR A 165 6.16 2.86 5.08
N ALA A 166 4.96 2.41 4.73
CA ALA A 166 4.82 1.35 3.73
C ALA A 166 4.38 1.89 2.38
N HIS A 167 4.34 3.21 2.21
CA HIS A 167 3.95 3.83 0.94
C HIS A 167 5.03 4.80 0.48
N PRO A 168 6.27 4.32 0.35
CA PRO A 168 7.34 5.20 -0.13
C PRO A 168 7.10 5.69 -1.56
N LYS A 169 7.65 6.86 -1.86
CA LYS A 169 7.57 7.46 -3.19
C LYS A 169 8.98 7.71 -3.69
N VAL A 170 9.19 7.59 -4.99
CA VAL A 170 10.51 7.85 -5.57
C VAL A 170 10.41 9.13 -6.36
N ASP A 171 11.29 10.07 -6.05
CA ASP A 171 11.40 11.33 -6.76
C ASP A 171 12.10 11.09 -8.09
N PRO A 172 11.41 11.24 -9.23
CA PRO A 172 12.06 10.97 -10.52
C PRO A 172 13.19 11.90 -10.84
N LYS A 173 13.26 13.07 -10.21
CA LYS A 173 14.32 14.01 -10.57
C LYS A 173 15.63 13.62 -9.92
N THR A 174 15.58 13.22 -8.66
CA THR A 174 16.78 12.88 -7.91
C THR A 174 17.00 11.38 -7.78
N GLY A 175 15.95 10.58 -7.97
CA GLY A 175 16.05 9.18 -7.65
C GLY A 175 15.91 8.85 -6.19
N ASN A 176 15.72 9.84 -5.32
CA ASN A 176 15.59 9.53 -3.89
C ASN A 176 14.25 8.86 -3.59
N MET A 177 14.28 7.94 -2.62
CA MET A 177 13.05 7.49 -1.99
C MET A 177 12.62 8.53 -0.97
N VAL A 178 11.34 8.86 -0.97
CA VAL A 178 10.78 9.81 0.00
C VAL A 178 9.88 9.02 0.90
N ALA A 179 9.99 9.26 2.21
CA ALA A 179 9.26 8.47 3.19
C ALA A 179 8.85 9.36 4.35
N ILE A 180 7.81 8.90 5.05
CA ILE A 180 7.47 9.42 6.37
C ILE A 180 7.60 8.29 7.37
N GLY A 181 7.64 8.68 8.66
CA GLY A 181 7.45 7.73 9.74
C GLY A 181 6.56 8.35 10.80
N TYR A 182 5.32 7.89 10.94
CA TYR A 182 4.46 8.50 11.96
C TYR A 182 4.55 7.69 13.26
N ALA A 183 4.01 8.25 14.33
CA ALA A 183 4.27 7.75 15.68
C ALA A 183 5.77 7.56 15.92
N ALA A 184 6.53 8.61 15.58
CA ALA A 184 7.98 8.45 15.42
C ALA A 184 8.68 8.32 16.76
N SER A 185 8.10 8.84 17.84
CA SER A 185 8.72 8.76 19.15
C SER A 185 8.02 7.75 20.04
N GLY A 186 7.14 6.92 19.49
CA GLY A 186 6.36 6.02 20.29
C GLY A 186 4.94 5.88 19.80
N LEU A 187 4.26 4.84 20.28
CA LEU A 187 2.90 4.58 19.84
C LEU A 187 2.00 5.78 20.15
N CYS A 188 1.17 6.15 19.18
CA CYS A 188 0.13 7.16 19.35
C CYS A 188 0.68 8.55 19.58
N THR A 189 1.97 8.78 19.33
CA THR A 189 2.53 10.11 19.49
C THR A 189 2.23 10.96 18.25
N ASP A 190 2.25 12.30 18.41
CA ASP A 190 2.00 13.17 17.27
C ASP A 190 3.28 13.56 16.52
N ASP A 191 4.39 12.88 16.76
CA ASP A 191 5.62 13.15 16.01
C ASP A 191 5.64 12.37 14.71
N VAL A 192 6.20 12.99 13.67
CA VAL A 192 6.35 12.40 12.36
C VAL A 192 7.72 12.80 11.82
N THR A 193 8.41 11.87 11.18
CA THR A 193 9.61 12.21 10.44
C THR A 193 9.35 12.24 8.94
N TYR A 194 10.04 13.15 8.28
CA TYR A 194 10.11 13.20 6.83
C TYR A 194 11.53 12.80 6.46
N MET A 195 11.66 11.77 5.63
CA MET A 195 12.95 11.18 5.29
C MET A 195 13.12 11.11 3.78
N GLU A 196 14.36 11.24 3.33
CA GLU A 196 14.75 10.90 1.97
C GLU A 196 15.94 9.96 2.02
N VAL A 197 15.92 8.96 1.14
CA VAL A 197 16.99 7.98 0.98
C VAL A 197 17.56 8.10 -0.43
N SER A 198 18.87 8.20 -0.53
CA SER A 198 19.52 8.30 -1.83
C SER A 198 19.45 6.97 -2.57
N PRO A 199 19.63 6.97 -3.89
CA PRO A 199 19.65 5.69 -4.63
C PRO A 199 20.70 4.74 -4.10
N GLU A 200 21.71 5.25 -3.41
CA GLU A 200 22.78 4.45 -2.83
C GLU A 200 22.39 3.86 -1.47
N GLY A 201 21.20 4.17 -0.96
CA GLY A 201 20.73 3.56 0.26
C GLY A 201 21.00 4.33 1.53
N GLU A 202 21.57 5.54 1.43
CA GLU A 202 21.91 6.31 2.61
C GLU A 202 20.73 7.20 3.02
N LEU A 203 20.51 7.32 4.34
CA LEU A 203 19.53 8.29 4.85
C LEU A 203 20.13 9.68 4.74
N VAL A 204 19.66 10.48 3.78
CA VAL A 204 20.25 11.79 3.55
C VAL A 204 19.47 12.93 4.19
N ARG A 205 18.25 12.68 4.65
CA ARG A 205 17.48 13.71 5.32
C ARG A 205 16.53 13.04 6.30
N GLU A 206 16.39 13.65 7.46
CA GLU A 206 15.40 13.20 8.44
C GLU A 206 14.96 14.44 9.22
N VAL A 207 13.72 14.86 9.02
CA VAL A 207 13.17 16.07 9.62
C VAL A 207 12.00 15.65 10.51
N TRP A 208 12.07 16.03 11.78
CA TRP A 208 11.00 15.81 12.74
C TRP A 208 10.02 16.97 12.69
N PHE A 209 8.73 16.65 12.65
CA PHE A 209 7.71 17.68 12.83
C PHE A 209 6.56 17.07 13.61
N LYS A 210 5.51 17.86 13.82
CA LYS A 210 4.32 17.41 14.54
C LYS A 210 3.08 17.65 13.69
N VAL A 211 2.07 16.80 13.87
CA VAL A 211 0.84 16.89 13.08
C VAL A 211 -0.30 17.34 13.99
N PRO A 212 -1.43 17.81 13.46
CA PRO A 212 -2.49 18.30 14.35
C PRO A 212 -2.98 17.25 15.35
N TYR A 213 -3.09 15.98 14.93
CA TYR A 213 -3.48 14.95 15.87
C TYR A 213 -2.96 13.60 15.38
N TYR A 214 -2.75 12.68 16.32
CA TYR A 214 -2.31 11.33 15.95
C TYR A 214 -3.42 10.61 15.19
N CYS A 215 -3.05 9.94 14.11
CA CYS A 215 -4.03 9.22 13.30
C CYS A 215 -3.26 8.30 12.36
N MET A 216 -3.98 7.50 11.61
CA MET A 216 -3.34 6.60 10.66
C MET A 216 -2.86 7.41 9.46
N MET A 217 -1.55 7.67 9.40
CA MET A 217 -0.95 8.38 8.27
C MET A 217 -0.35 7.31 7.35
N HIS A 218 -1.26 6.62 6.67
CA HIS A 218 -0.92 5.44 5.89
C HIS A 218 -0.22 5.80 4.58
N ASP A 219 -0.58 6.92 3.97
CA ASP A 219 -0.08 7.28 2.66
C ASP A 219 0.21 8.77 2.65
N PHE A 220 0.72 9.26 1.54
CA PHE A 220 1.02 10.69 1.36
C PHE A 220 1.34 10.89 -0.12
N GLY A 221 1.50 12.16 -0.49
CA GLY A 221 1.91 12.48 -1.84
C GLY A 221 3.20 13.28 -1.83
N ILE A 222 3.89 13.31 -2.96
CA ILE A 222 4.98 14.26 -3.13
C ILE A 222 4.75 15.06 -4.39
N THR A 223 5.28 16.28 -4.39
CA THR A 223 5.37 17.12 -5.57
C THR A 223 6.84 17.51 -5.76
N GLU A 224 7.09 18.37 -6.74
CA GLU A 224 8.47 18.74 -7.03
C GLU A 224 9.13 19.35 -5.80
N ASP A 225 8.43 20.22 -5.08
CA ASP A 225 8.99 20.91 -3.94
C ASP A 225 8.42 20.48 -2.60
N TYR A 226 7.42 19.60 -2.55
CA TYR A 226 6.67 19.40 -1.33
C TYR A 226 6.40 17.92 -1.04
N LEU A 227 6.22 17.65 0.25
CA LEU A 227 5.56 16.44 0.73
C LEU A 227 4.17 16.83 1.18
N VAL A 228 3.17 16.10 0.73
CA VAL A 228 1.78 16.48 0.97
C VAL A 228 1.16 15.39 1.81
N LEU A 229 0.77 15.74 3.03
CA LEU A 229 0.36 14.79 4.05
C LEU A 229 -1.07 15.02 4.49
N HIS A 230 -1.94 14.05 4.22
CA HIS A 230 -3.32 14.19 4.64
C HIS A 230 -3.51 13.62 6.04
N ILE A 231 -4.33 14.33 6.81
CA ILE A 231 -4.59 14.05 8.22
C ILE A 231 -6.07 13.72 8.30
N VAL A 232 -6.37 12.44 8.48
CA VAL A 232 -7.72 11.90 8.36
C VAL A 232 -8.03 11.17 9.65
N PRO A 233 -9.20 11.41 10.27
CA PRO A 233 -9.40 10.99 11.67
C PRO A 233 -9.80 9.53 11.89
N SER A 234 -8.99 8.62 11.33
CA SER A 234 -8.87 7.26 11.88
C SER A 234 -7.87 7.37 13.02
N ILE A 235 -8.37 7.50 14.25
CA ILE A 235 -7.53 7.88 15.37
C ILE A 235 -7.27 6.67 16.28
N GLY A 236 -6.20 6.78 17.08
CA GLY A 236 -5.91 5.80 18.10
C GLY A 236 -5.41 6.49 19.35
N SER A 237 -5.32 5.73 20.44
CA SER A 237 -4.85 6.24 21.72
C SER A 237 -4.45 5.07 22.61
N TRP A 238 -3.62 5.33 23.63
CA TRP A 238 -3.29 4.29 24.60
C TRP A 238 -4.53 3.82 25.35
N GLU A 239 -5.43 4.76 25.64
CA GLU A 239 -6.66 4.39 26.33
C GLU A 239 -7.41 3.31 25.55
N ARG A 240 -7.51 3.46 24.21
CA ARG A 240 -8.14 2.41 23.41
C ARG A 240 -7.44 1.07 23.63
N LEU A 241 -6.09 1.06 23.64
CA LEU A 241 -5.37 -0.21 23.76
C LEU A 241 -5.48 -0.81 25.16
N GLU A 242 -5.49 0.03 26.19
CA GLU A 242 -5.67 -0.49 27.54
C GLU A 242 -7.01 -1.20 27.66
N GLN A 243 -8.04 -0.66 27.00
CA GLN A 243 -9.39 -1.22 27.02
C GLN A 243 -9.59 -2.34 26.01
N GLY A 244 -8.58 -2.70 25.23
CA GLY A 244 -8.76 -3.82 24.31
C GLY A 244 -9.54 -3.50 23.05
N LYS A 245 -9.77 -2.21 22.75
CA LYS A 245 -10.42 -1.81 21.52
C LYS A 245 -9.46 -1.93 20.34
N PRO A 246 -9.97 -2.06 19.12
CA PRO A 246 -9.07 -1.95 17.96
C PRO A 246 -8.28 -0.67 18.08
N HIS A 247 -7.00 -0.74 17.69
CA HIS A 247 -6.14 0.41 17.87
C HIS A 247 -6.76 1.67 17.26
N PHE A 248 -7.30 1.56 16.05
CA PHE A 248 -7.90 2.71 15.38
C PHE A 248 -9.42 2.65 15.43
N GLY A 249 -10.03 3.85 15.45
CA GLY A 249 -11.45 4.05 15.22
C GLY A 249 -11.65 5.38 14.52
N PHE A 250 -12.79 5.50 13.84
CA PHE A 250 -13.04 6.67 13.01
C PHE A 250 -13.95 7.66 13.73
N ASP A 251 -13.57 8.93 13.70
CA ASP A 251 -14.31 10.01 14.35
C ASP A 251 -14.86 10.93 13.27
N THR A 252 -16.17 10.87 13.06
CA THR A 252 -16.80 11.64 11.99
C THR A 252 -16.93 13.11 12.37
N THR A 253 -16.65 13.49 13.60
CA THR A 253 -16.79 14.86 14.07
C THR A 253 -15.51 15.68 13.90
N MET A 254 -14.43 15.06 13.48
CA MET A 254 -13.17 15.80 13.45
C MET A 254 -12.85 16.27 12.04
N PRO A 255 -12.16 17.40 11.94
CA PRO A 255 -11.78 17.94 10.62
C PRO A 255 -10.67 17.12 10.00
N VAL A 256 -10.54 17.29 8.68
CA VAL A 256 -9.46 16.70 7.90
C VAL A 256 -8.50 17.79 7.53
N HIS A 257 -7.19 17.52 7.61
CA HIS A 257 -6.20 18.52 7.24
C HIS A 257 -5.31 18.02 6.13
N LEU A 258 -4.62 18.98 5.50
CA LEU A 258 -3.63 18.67 4.46
C LEU A 258 -2.40 19.52 4.74
N GLY A 259 -1.28 18.85 5.02
CA GLY A 259 -0.05 19.54 5.40
C GLY A 259 0.90 19.60 4.23
N ILE A 260 1.47 20.77 4.00
CA ILE A 260 2.41 20.99 2.90
C ILE A 260 3.76 21.22 3.52
N ILE A 261 4.65 20.25 3.36
CA ILE A 261 5.98 20.24 3.98
C ILE A 261 7.01 20.51 2.89
N PRO A 262 7.79 21.58 2.97
CA PRO A 262 8.86 21.77 1.98
C PRO A 262 9.87 20.65 2.05
N ARG A 263 10.21 20.10 0.88
CA ARG A 263 11.23 19.04 0.80
C ARG A 263 12.61 19.69 0.68
N ARG A 264 13.15 20.10 1.83
CA ARG A 264 14.48 20.68 1.89
C ARG A 264 15.07 20.43 3.28
N ASP A 265 16.35 20.74 3.43
CA ASP A 265 17.02 20.53 4.70
C ASP A 265 16.62 21.60 5.70
N GLY A 266 16.60 21.22 6.98
CA GLY A 266 16.34 22.18 8.04
C GLY A 266 14.97 22.80 7.98
N VAL A 267 13.97 22.04 7.57
CA VAL A 267 12.60 22.50 7.64
C VAL A 267 12.18 22.60 9.09
N ARG A 268 11.48 23.67 9.43
CA ARG A 268 10.96 23.88 10.77
C ARG A 268 9.44 23.74 10.76
N GLN A 269 8.89 23.56 11.97
CA GLN A 269 7.44 23.46 12.12
C GLN A 269 6.73 24.63 11.45
N GLU A 270 7.27 25.84 11.62
CA GLU A 270 6.66 27.05 11.08
C GLU A 270 6.70 27.11 9.56
N ASP A 271 7.55 26.32 8.91
CA ASP A 271 7.58 26.27 7.46
C ASP A 271 6.47 25.41 6.87
N ILE A 272 5.76 24.65 7.70
CA ILE A 272 4.73 23.75 7.22
C ILE A 272 3.40 24.48 7.19
N ARG A 273 2.68 24.36 6.10
CA ARG A 273 1.38 25.00 5.97
C ARG A 273 0.26 23.97 6.06
N TRP A 274 -0.81 24.30 6.78
CA TRP A 274 -1.92 23.38 7.01
C TRP A 274 -3.18 23.94 6.39
N PHE A 275 -3.89 23.12 5.62
CA PHE A 275 -5.22 23.42 5.11
C PHE A 275 -6.22 22.49 5.79
N THR A 276 -7.48 22.92 5.84
CA THR A 276 -8.49 22.26 6.65
C THR A 276 -9.81 22.23 5.91
N ARG A 277 -10.46 21.07 5.97
CA ARG A 277 -11.76 20.83 5.33
C ARG A 277 -12.63 19.99 6.26
N ASP A 278 -13.88 19.80 5.86
CA ASP A 278 -14.81 19.02 6.67
C ASP A 278 -14.47 17.52 6.61
N ASN A 279 -15.07 16.77 7.55
CA ASN A 279 -14.74 15.36 7.73
C ASN A 279 -15.02 14.54 6.47
N CYS A 280 -14.11 13.61 6.19
CA CYS A 280 -14.31 12.59 5.17
C CYS A 280 -13.27 11.52 5.44
N PHE A 281 -13.30 10.46 4.64
CA PHE A 281 -12.28 9.44 4.69
C PHE A 281 -11.50 9.42 3.39
N ALA A 282 -10.16 9.37 3.50
CA ALA A 282 -9.30 9.17 2.36
C ALA A 282 -8.05 8.48 2.86
N SER A 283 -7.58 7.48 2.12
CA SER A 283 -6.38 6.76 2.50
C SER A 283 -5.32 6.83 1.41
N HIS A 284 -5.55 6.18 0.28
CA HIS A 284 -4.54 6.08 -0.75
C HIS A 284 -4.48 7.31 -1.66
N VAL A 285 -3.26 7.64 -2.07
CA VAL A 285 -2.97 8.79 -2.93
C VAL A 285 -2.66 8.27 -4.33
N LEU A 286 -3.39 8.76 -5.32
CA LEU A 286 -3.01 8.46 -6.71
C LEU A 286 -1.70 9.14 -7.07
N ASN A 287 -1.66 10.45 -6.92
CA ASN A 287 -0.49 11.24 -7.26
C ASN A 287 -0.81 12.67 -6.83
N ALA A 288 0.22 13.49 -6.78
CA ALA A 288 0.05 14.90 -6.46
C ALA A 288 1.02 15.69 -7.34
N TRP A 289 0.68 16.96 -7.63
CA TRP A 289 1.60 17.77 -8.40
C TRP A 289 1.31 19.25 -8.13
N GLN A 290 2.27 20.08 -8.47
CA GLN A 290 2.09 21.54 -8.42
C GLN A 290 1.68 22.06 -9.78
N GLU A 291 0.90 23.13 -9.74
CA GLU A 291 0.53 23.86 -10.94
C GLU A 291 0.41 25.33 -10.53
N GLY A 292 1.33 26.16 -11.00
CA GLY A 292 1.31 27.55 -10.57
C GLY A 292 1.43 27.58 -9.05
N THR A 293 0.52 28.28 -8.40
CA THR A 293 0.54 28.31 -6.94
C THR A 293 -0.27 27.19 -6.31
N LYS A 294 -0.89 26.33 -7.11
CA LYS A 294 -1.77 25.29 -6.60
C LYS A 294 -1.02 23.97 -6.41
N ILE A 295 -1.51 23.18 -5.47
CA ILE A 295 -1.13 21.79 -5.32
C ILE A 295 -2.38 20.99 -5.57
N HIS A 296 -2.25 19.99 -6.44
CA HIS A 296 -3.31 19.06 -6.73
C HIS A 296 -2.98 17.75 -6.05
N PHE A 297 -3.93 17.22 -5.29
CA PHE A 297 -3.71 16.03 -4.46
C PHE A 297 -4.86 15.07 -4.76
N VAL A 298 -4.61 14.03 -5.56
CA VAL A 298 -5.69 13.16 -6.01
C VAL A 298 -5.68 11.91 -5.14
N THR A 299 -6.78 11.72 -4.44
CA THR A 299 -6.96 10.62 -3.52
C THR A 299 -8.29 9.96 -3.84
N CYS A 300 -8.54 8.81 -3.23
CA CYS A 300 -9.84 8.17 -3.30
C CYS A 300 -10.61 8.49 -2.02
N GLU A 301 -11.65 9.32 -2.15
CA GLU A 301 -12.35 9.89 -1.01
C GLU A 301 -13.70 9.24 -0.86
N ALA A 302 -14.02 8.84 0.36
CA ALA A 302 -15.33 8.34 0.74
C ALA A 302 -15.94 9.29 1.75
N LYS A 303 -17.27 9.22 1.86
CA LYS A 303 -17.97 10.10 2.80
C LYS A 303 -17.65 9.73 4.24
N ASN A 304 -17.37 8.45 4.51
CA ASN A 304 -17.22 7.94 5.87
C ASN A 304 -16.16 6.83 5.88
N ASN A 305 -15.86 6.33 7.08
CA ASN A 305 -14.86 5.28 7.33
C ASN A 305 -14.95 4.14 6.32
N MET A 306 -13.79 3.66 5.89
CA MET A 306 -13.69 2.49 5.01
C MET A 306 -13.27 1.21 5.72
N PHE A 307 -12.89 1.27 7.01
CA PHE A 307 -12.39 0.10 7.76
C PHE A 307 -13.42 -0.36 8.79
N PRO A 308 -14.22 -1.40 8.51
CA PRO A 308 -15.21 -1.84 9.51
C PRO A 308 -14.58 -2.32 10.80
N PHE A 309 -13.34 -2.81 10.74
CA PHE A 309 -12.63 -3.38 11.89
C PHE A 309 -11.92 -2.31 12.72
N PHE A 310 -11.95 -1.05 12.27
CA PHE A 310 -11.53 0.12 13.05
C PHE A 310 -12.77 1.00 13.18
N PRO A 311 -13.67 0.68 14.09
CA PRO A 311 -15.05 1.15 13.99
C PRO A 311 -15.24 2.61 14.36
N ASP A 312 -16.45 3.08 14.06
CA ASP A 312 -16.86 4.43 14.44
C ASP A 312 -16.71 4.60 15.94
N VAL A 313 -16.04 5.69 16.36
CA VAL A 313 -15.70 5.83 17.77
C VAL A 313 -16.91 6.11 18.63
N HIS A 314 -18.02 6.51 18.03
CA HIS A 314 -19.23 6.83 18.79
C HIS A 314 -20.25 5.71 18.74
N GLY A 315 -19.86 4.54 18.24
CA GLY A 315 -20.72 3.36 18.30
C GLY A 315 -21.51 3.08 17.04
N ALA A 316 -21.39 3.91 16.00
CA ALA A 316 -22.24 3.75 14.84
C ALA A 316 -21.94 2.42 14.14
N PRO A 317 -22.97 1.76 13.60
CA PRO A 317 -22.70 0.57 12.79
C PRO A 317 -22.05 0.98 11.48
N PHE A 318 -21.33 0.03 10.87
CA PHE A 318 -20.61 0.33 9.63
C PHE A 318 -21.59 0.63 8.49
N ASN A 319 -21.30 1.67 7.74
CA ASN A 319 -22.16 2.16 6.66
C ASN A 319 -21.47 1.85 5.33
N GLY A 320 -21.85 0.73 4.70
CA GLY A 320 -21.20 0.34 3.46
C GLY A 320 -21.33 1.38 2.36
N MET A 321 -22.52 1.99 2.23
CA MET A 321 -22.73 2.94 1.14
C MET A 321 -21.81 4.15 1.27
N GLU A 322 -21.62 4.65 2.49
CA GLU A 322 -20.75 5.80 2.69
C GLU A 322 -19.27 5.46 2.66
N ALA A 323 -18.92 4.18 2.55
CA ALA A 323 -17.53 3.78 2.37
C ALA A 323 -17.13 3.67 0.91
N MET A 324 -18.05 3.88 -0.02
CA MET A 324 -17.68 3.95 -1.43
C MET A 324 -16.79 5.16 -1.68
N SER A 325 -15.60 4.92 -2.22
CA SER A 325 -14.62 5.95 -2.51
C SER A 325 -14.58 6.26 -3.99
N HIS A 326 -14.22 7.51 -4.32
CA HIS A 326 -14.13 8.00 -5.69
C HIS A 326 -12.88 8.83 -5.88
N PRO A 327 -12.21 8.70 -7.02
CA PRO A 327 -11.04 9.56 -7.30
C PRO A 327 -11.43 11.02 -7.19
N THR A 328 -10.70 11.77 -6.38
CA THR A 328 -11.07 13.14 -6.05
C THR A 328 -9.81 14.00 -5.97
N ASP A 329 -9.86 15.17 -6.60
CA ASP A 329 -8.76 16.13 -6.54
C ASP A 329 -8.99 17.11 -5.39
N TRP A 330 -8.10 17.08 -4.40
CA TRP A 330 -8.03 18.11 -3.36
C TRP A 330 -7.04 19.18 -3.80
N VAL A 331 -7.51 20.40 -3.97
CA VAL A 331 -6.70 21.48 -4.52
C VAL A 331 -6.53 22.54 -3.44
N VAL A 332 -5.28 22.90 -3.14
CA VAL A 332 -4.99 24.00 -2.21
C VAL A 332 -4.07 24.99 -2.91
N ASP A 333 -4.12 26.24 -2.47
CA ASP A 333 -3.46 27.34 -3.15
C ASP A 333 -2.45 27.93 -2.20
N MET A 334 -1.16 27.76 -2.49
CA MET A 334 -0.15 28.27 -1.56
C MET A 334 -0.11 29.79 -1.51
N ALA A 335 -0.74 30.48 -2.45
CA ALA A 335 -0.84 31.92 -2.43
C ALA A 335 -2.12 32.43 -1.77
N SER A 336 -2.99 31.56 -1.30
CA SER A 336 -4.15 32.09 -0.59
C SER A 336 -3.77 32.37 0.86
N ASN A 337 -4.63 33.12 1.55
CA ASN A 337 -4.56 33.23 3.00
C ASN A 337 -5.56 32.24 3.62
N GLY A 338 -5.26 31.79 4.83
CA GLY A 338 -6.19 30.92 5.52
C GLY A 338 -6.09 29.46 5.14
N GLU A 339 -7.00 28.68 5.72
CA GLU A 339 -6.92 27.23 5.71
C GLU A 339 -7.87 26.60 4.71
N ASP A 340 -8.78 27.35 4.08
CA ASP A 340 -9.73 26.70 3.18
C ASP A 340 -9.03 26.07 1.99
N PHE A 341 -9.55 24.91 1.58
CA PHE A 341 -9.12 24.30 0.33
C PHE A 341 -9.59 25.17 -0.83
N ALA A 342 -8.85 25.13 -1.92
CA ALA A 342 -9.30 25.85 -3.09
C ALA A 342 -10.40 25.08 -3.82
N GLY A 343 -10.34 23.76 -3.82
CA GLY A 343 -11.34 22.95 -4.49
C GLY A 343 -11.31 21.52 -4.02
N ILE A 344 -12.45 20.84 -4.13
CA ILE A 344 -12.58 19.40 -3.85
C ILE A 344 -13.39 18.85 -5.02
N VAL A 345 -12.75 18.18 -5.97
CA VAL A 345 -13.36 17.91 -7.26
C VAL A 345 -13.46 16.39 -7.47
N LYS A 346 -14.68 15.87 -7.49
CA LYS A 346 -14.89 14.46 -7.82
C LYS A 346 -14.56 14.26 -9.28
N LEU A 347 -13.68 13.29 -9.57
CA LEU A 347 -13.17 13.10 -10.93
C LEU A 347 -13.84 11.96 -11.69
N SER A 348 -14.60 11.09 -11.00
CA SER A 348 -15.29 9.98 -11.64
C SER A 348 -16.43 9.54 -10.74
N ASP A 349 -17.51 9.05 -11.36
CA ASP A 349 -18.56 8.40 -10.58
C ASP A 349 -18.21 6.94 -10.29
N THR A 350 -17.16 6.40 -10.89
CA THR A 350 -16.77 5.03 -10.61
C THR A 350 -16.21 4.92 -9.19
N ALA A 351 -16.72 3.93 -8.44
CA ALA A 351 -16.19 3.62 -7.12
C ALA A 351 -14.87 2.87 -7.29
N ALA A 352 -13.80 3.43 -6.72
CA ALA A 352 -12.45 3.04 -7.06
C ALA A 352 -11.54 3.18 -5.84
N GLU A 353 -10.58 2.26 -5.72
CA GLU A 353 -9.51 2.31 -4.72
C GLU A 353 -8.26 1.68 -5.32
N PHE A 354 -7.26 1.46 -4.47
CA PHE A 354 -5.93 1.00 -4.84
C PHE A 354 -5.42 1.72 -6.09
N PRO A 355 -5.31 3.05 -6.02
CA PRO A 355 -4.89 3.85 -7.16
C PRO A 355 -3.43 3.65 -7.52
N ARG A 356 -3.14 3.70 -8.83
CA ARG A 356 -1.78 3.56 -9.34
C ARG A 356 -1.56 4.48 -10.54
N ILE A 357 -0.33 4.96 -10.67
CA ILE A 357 0.12 5.71 -11.82
C ILE A 357 1.30 4.98 -12.41
N ASP A 358 1.75 5.47 -13.56
CA ASP A 358 3.08 5.23 -14.10
C ASP A 358 4.04 5.96 -13.18
N ASP A 359 4.72 5.21 -12.33
CA ASP A 359 5.51 5.80 -11.25
C ASP A 359 6.71 6.58 -11.74
N ARG A 360 7.05 6.50 -13.03
CA ARG A 360 8.10 7.36 -13.55
C ARG A 360 7.70 8.83 -13.48
N PHE A 361 6.41 9.12 -13.31
CA PHE A 361 5.90 10.48 -13.32
C PHE A 361 5.41 10.91 -11.94
N THR A 362 5.87 10.25 -10.88
CA THR A 362 5.48 10.62 -9.52
C THR A 362 5.81 12.08 -9.28
N GLY A 363 4.85 12.83 -8.75
CA GLY A 363 5.04 14.23 -8.41
C GLY A 363 4.90 15.21 -9.56
N GLN A 364 4.61 14.73 -10.75
CA GLN A 364 4.33 15.56 -11.91
C GLN A 364 2.91 15.30 -12.34
N LYS A 365 2.36 16.22 -13.13
CA LYS A 365 1.00 16.04 -13.63
C LYS A 365 0.93 14.80 -14.49
N THR A 366 0.06 13.89 -14.09
CA THR A 366 -0.13 12.64 -14.79
C THR A 366 -1.47 12.62 -15.53
N ARG A 367 -1.47 11.99 -16.69
CA ARG A 367 -2.66 11.81 -17.51
C ARG A 367 -3.47 10.57 -17.15
N HIS A 368 -2.81 9.50 -16.67
CA HIS A 368 -3.45 8.20 -16.51
C HIS A 368 -3.49 7.79 -15.05
N GLY A 369 -4.55 7.08 -14.70
CA GLY A 369 -4.61 6.36 -13.46
C GLY A 369 -5.31 5.03 -13.65
N TRP A 370 -4.89 4.06 -12.85
CA TRP A 370 -5.49 2.73 -12.83
C TRP A 370 -5.91 2.43 -11.39
N PHE A 371 -7.00 1.66 -11.24
CA PHE A 371 -7.62 1.47 -9.94
C PHE A 371 -8.25 0.10 -9.90
N LEU A 372 -8.51 -0.38 -8.69
CA LEU A 372 -9.49 -1.42 -8.50
C LEU A 372 -10.86 -0.78 -8.38
N GLU A 373 -11.86 -1.40 -8.98
CA GLU A 373 -13.19 -0.82 -9.01
C GLU A 373 -14.17 -1.78 -8.36
N MET A 374 -15.11 -1.21 -7.63
CA MET A 374 -16.22 -1.99 -7.09
C MET A 374 -17.49 -1.59 -7.84
N ASP A 375 -17.93 -2.45 -8.77
CA ASP A 375 -19.10 -2.15 -9.61
C ASP A 375 -20.25 -2.98 -9.07
N MET A 376 -21.09 -2.36 -8.26
CA MET A 376 -22.17 -3.07 -7.59
C MET A 376 -23.28 -3.49 -8.52
N LYS A 377 -23.22 -3.12 -9.79
CA LYS A 377 -24.23 -3.56 -10.74
C LYS A 377 -23.91 -4.91 -11.36
N ARG A 378 -22.72 -5.45 -11.12
CA ARG A 378 -22.36 -6.71 -11.77
C ARG A 378 -22.94 -7.90 -11.01
N PRO A 379 -23.28 -8.97 -11.73
CA PRO A 379 -23.63 -10.23 -11.05
C PRO A 379 -22.51 -10.67 -10.12
N VAL A 380 -22.90 -11.31 -9.03
CA VAL A 380 -21.97 -11.95 -8.11
C VAL A 380 -22.55 -13.30 -7.72
N GLU A 381 -21.82 -14.37 -7.98
CA GLU A 381 -22.38 -15.71 -7.83
C GLU A 381 -21.60 -16.56 -6.82
N LEU A 382 -20.93 -15.91 -5.86
CA LEU A 382 -20.28 -16.68 -4.81
C LEU A 382 -21.11 -16.74 -3.51
N LEU A 391 -15.98 -5.82 -2.44
CA LEU A 391 -15.40 -6.81 -3.33
C LEU A 391 -15.02 -6.15 -4.64
N MET A 392 -13.73 -6.14 -4.95
CA MET A 392 -13.23 -5.41 -6.12
C MET A 392 -13.34 -6.32 -7.32
N ASN A 393 -14.29 -6.05 -8.22
CA ASN A 393 -14.55 -6.94 -9.34
C ASN A 393 -14.15 -6.38 -10.70
N CYS A 394 -13.64 -5.14 -10.77
CA CYS A 394 -13.15 -4.60 -12.04
C CYS A 394 -11.79 -3.95 -11.93
N LEU A 395 -11.06 -4.02 -13.03
CA LEU A 395 -9.94 -3.12 -13.28
C LEU A 395 -10.50 -1.89 -13.98
N PHE A 396 -10.03 -0.72 -13.53
CA PHE A 396 -10.56 0.57 -13.99
C PHE A 396 -9.39 1.44 -14.42
N HIS A 397 -9.48 1.98 -15.63
CA HIS A 397 -8.49 2.93 -16.15
C HIS A 397 -9.20 4.21 -16.52
N LYS A 398 -8.60 5.34 -16.15
CA LYS A 398 -9.13 6.63 -16.56
C LYS A 398 -8.05 7.44 -17.25
N ASP A 399 -8.40 8.01 -18.40
CA ASP A 399 -7.58 8.95 -19.12
C ASP A 399 -8.11 10.31 -18.70
N PHE A 400 -7.39 10.97 -17.81
CA PHE A 400 -7.91 12.21 -17.24
C PHE A 400 -7.83 13.37 -18.22
N GLU A 401 -7.15 13.20 -19.34
CA GLU A 401 -7.15 14.27 -20.33
C GLU A 401 -8.33 14.18 -21.29
N THR A 402 -8.67 12.99 -21.76
CA THR A 402 -9.88 12.87 -22.57
C THR A 402 -11.11 12.61 -21.71
N GLY A 403 -10.92 12.17 -20.46
CA GLY A 403 -12.02 11.75 -19.62
C GLY A 403 -12.48 10.34 -19.85
N ARG A 404 -12.02 9.68 -20.91
CA ARG A 404 -12.44 8.31 -21.22
C ARG A 404 -12.11 7.33 -20.09
N GLU A 405 -13.10 6.51 -19.76
CA GLU A 405 -12.98 5.48 -18.75
C GLU A 405 -13.06 4.11 -19.40
N GLN A 406 -12.23 3.18 -18.95
CA GLN A 406 -12.32 1.80 -19.37
C GLN A 406 -12.48 0.91 -18.15
N HIS A 407 -13.23 -0.17 -18.33
CA HIS A 407 -13.50 -1.12 -17.27
C HIS A 407 -13.28 -2.53 -17.80
N TRP A 408 -12.67 -3.40 -16.99
CA TRP A 408 -12.64 -4.83 -17.28
C TRP A 408 -13.13 -5.59 -16.08
N TRP A 409 -14.15 -6.43 -16.29
CA TRP A 409 -14.81 -7.20 -15.24
C TRP A 409 -14.20 -8.58 -15.19
N CYS A 410 -13.81 -9.03 -13.99
CA CYS A 410 -13.24 -10.35 -13.85
C CYS A 410 -14.28 -11.46 -13.76
N GLY A 411 -15.58 -11.16 -13.91
CA GLY A 411 -16.60 -12.17 -13.90
C GLY A 411 -17.22 -12.36 -12.53
N PRO A 412 -18.26 -13.19 -12.45
CA PRO A 412 -19.08 -13.24 -11.24
C PRO A 412 -18.55 -14.13 -10.13
N VAL A 413 -17.39 -14.78 -10.31
CA VAL A 413 -16.87 -15.69 -9.29
C VAL A 413 -15.40 -15.39 -9.02
N SER A 414 -15.01 -14.13 -9.20
CA SER A 414 -13.62 -13.72 -9.02
C SER A 414 -13.56 -12.33 -8.40
N SER A 415 -12.38 -11.95 -7.96
CA SER A 415 -12.09 -10.59 -7.55
C SER A 415 -10.65 -10.30 -7.88
N LEU A 416 -10.25 -9.04 -7.71
CA LEU A 416 -8.97 -8.59 -8.21
C LEU A 416 -8.14 -7.97 -7.11
N GLN A 417 -6.82 -8.06 -7.28
CA GLN A 417 -5.88 -7.44 -6.36
C GLN A 417 -5.26 -6.22 -7.03
N GLU A 418 -4.39 -5.53 -6.30
CA GLU A 418 -3.95 -4.21 -6.74
C GLU A 418 -3.20 -4.31 -8.07
N PRO A 419 -3.53 -3.49 -9.05
CA PRO A 419 -2.76 -3.49 -10.29
C PRO A 419 -1.40 -2.83 -10.13
N CYS A 420 -0.53 -3.12 -11.09
CA CYS A 420 0.81 -2.53 -11.14
C CYS A 420 1.12 -2.21 -12.59
N PHE A 421 1.58 -0.99 -12.85
CA PHE A 421 1.96 -0.57 -14.20
C PHE A 421 3.43 -0.87 -14.48
N VAL A 422 3.70 -1.37 -15.68
CA VAL A 422 5.05 -1.71 -16.12
C VAL A 422 5.30 -0.98 -17.43
N PRO A 423 6.33 -0.13 -17.52
CA PRO A 423 6.56 0.59 -18.77
C PRO A 423 7.05 -0.32 -19.89
N ARG A 424 6.62 -0.02 -21.13
CA ARG A 424 7.06 -0.79 -22.29
CA ARG A 424 7.07 -0.80 -22.28
C ARG A 424 8.58 -0.71 -22.46
N ALA A 425 9.14 0.47 -22.22
CA ALA A 425 10.56 0.72 -22.36
C ALA A 425 10.84 1.94 -21.50
N LYS A 426 12.11 2.15 -21.17
CA LYS A 426 12.43 3.21 -20.23
C LYS A 426 12.11 4.60 -20.79
N ASP A 427 12.09 4.74 -22.12
CA ASP A 427 11.79 6.02 -22.76
C ASP A 427 10.35 6.10 -23.27
N ALA A 428 9.52 5.10 -22.97
CA ALA A 428 8.15 5.09 -23.47
C ALA A 428 7.33 6.24 -22.89
N PRO A 429 6.35 6.76 -23.64
CA PRO A 429 5.44 7.77 -23.07
C PRO A 429 4.73 7.24 -21.84
N GLU A 430 4.14 8.16 -21.09
CA GLU A 430 3.42 7.81 -19.86
C GLU A 430 2.29 6.84 -20.19
N GLY A 431 2.19 5.76 -19.42
CA GLY A 431 1.15 4.77 -19.62
C GLY A 431 1.38 3.81 -20.78
N ASP A 432 2.44 3.99 -21.55
CA ASP A 432 2.72 3.07 -22.65
C ASP A 432 3.39 1.83 -22.06
N GLY A 433 2.59 0.80 -21.84
CA GLY A 433 3.12 -0.40 -21.21
C GLY A 433 2.01 -1.38 -20.84
N TRP A 434 2.19 -2.06 -19.72
CA TRP A 434 1.31 -3.13 -19.29
C TRP A 434 0.81 -2.91 -17.87
N ILE A 435 -0.34 -3.52 -17.56
CA ILE A 435 -0.79 -3.71 -16.19
C ILE A 435 -0.66 -5.18 -15.86
N VAL A 436 -0.07 -5.48 -14.71
CA VAL A 436 -0.08 -6.83 -14.15
C VAL A 436 -0.89 -6.81 -12.85
N GLN A 437 -1.63 -7.87 -12.59
CA GLN A 437 -2.33 -7.97 -11.31
C GLN A 437 -2.74 -9.41 -11.06
N VAL A 438 -2.84 -9.74 -9.77
CA VAL A 438 -3.35 -11.04 -9.34
C VAL A 438 -4.87 -11.01 -9.40
N CYS A 439 -5.46 -12.07 -9.92
CA CYS A 439 -6.89 -12.30 -9.86
C CYS A 439 -7.19 -13.49 -8.96
N ASN A 440 -8.09 -13.28 -8.00
CA ASN A 440 -8.61 -14.34 -7.14
C ASN A 440 -9.72 -15.08 -7.86
N ARG A 441 -9.45 -16.33 -8.21
CA ARG A 441 -10.49 -17.19 -8.77
C ARG A 441 -11.14 -17.89 -7.60
N LEU A 442 -12.17 -17.23 -7.06
CA LEU A 442 -12.67 -17.55 -5.73
C LEU A 442 -13.40 -18.88 -5.71
N GLU A 443 -14.20 -19.15 -6.73
CA GLU A 443 -14.92 -20.41 -6.77
C GLU A 443 -14.00 -21.59 -7.06
N GLU A 444 -12.96 -21.38 -7.86
CA GLU A 444 -12.00 -22.42 -8.19
C GLU A 444 -10.86 -22.50 -7.18
N GLN A 445 -10.84 -21.61 -6.19
CA GLN A 445 -9.87 -21.71 -5.11
C GLN A 445 -8.46 -21.67 -5.65
N ARG A 446 -8.21 -20.78 -6.61
CA ARG A 446 -6.88 -20.63 -7.18
C ARG A 446 -6.69 -19.18 -7.61
N SER A 447 -5.55 -18.89 -8.23
CA SER A 447 -5.22 -17.52 -8.62
C SER A 447 -4.61 -17.50 -10.02
N ASP A 448 -4.78 -16.36 -10.68
CA ASP A 448 -4.19 -16.06 -11.97
C ASP A 448 -3.37 -14.79 -11.83
N LEU A 449 -2.31 -14.68 -12.62
CA LEU A 449 -1.67 -13.40 -12.88
C LEU A 449 -2.15 -12.93 -14.24
N LEU A 450 -2.79 -11.77 -14.28
CA LEU A 450 -3.28 -11.18 -15.51
C LEU A 450 -2.30 -10.14 -16.02
N ILE A 451 -2.16 -10.08 -17.35
CA ILE A 451 -1.33 -9.08 -18.02
C ILE A 451 -2.20 -8.39 -19.07
N PHE A 452 -2.27 -7.06 -18.97
CA PHE A 452 -3.06 -6.21 -19.85
C PHE A 452 -2.15 -5.25 -20.60
N ASP A 453 -2.57 -4.84 -21.79
CA ASP A 453 -2.08 -3.59 -22.37
C ASP A 453 -2.71 -2.43 -21.59
N ALA A 454 -1.87 -1.58 -21.00
CA ALA A 454 -2.36 -0.62 -20.00
C ALA A 454 -3.30 0.41 -20.58
N LEU A 455 -3.20 0.73 -21.87
CA LEU A 455 -4.09 1.73 -22.47
C LEU A 455 -5.26 1.10 -23.20
N ASP A 456 -5.38 -0.22 -23.17
CA ASP A 456 -6.52 -0.92 -23.74
C ASP A 456 -6.88 -2.09 -22.81
N ILE A 457 -7.30 -1.77 -21.58
CA ILE A 457 -7.64 -2.84 -20.66
C ILE A 457 -9.00 -3.46 -21.00
N GLU A 458 -9.86 -2.73 -21.68
CA GLU A 458 -11.23 -3.21 -21.84
C GLU A 458 -11.32 -4.40 -22.78
N LYS A 459 -10.32 -4.63 -23.62
CA LYS A 459 -10.30 -5.85 -24.44
C LYS A 459 -9.92 -7.09 -23.64
N GLY A 460 -9.48 -6.93 -22.40
CA GLY A 460 -9.14 -8.06 -21.58
C GLY A 460 -7.65 -8.35 -21.57
N PRO A 461 -7.23 -9.26 -20.70
CA PRO A 461 -5.80 -9.53 -20.59
C PRO A 461 -5.25 -10.17 -21.86
N VAL A 462 -4.03 -9.81 -22.20
CA VAL A 462 -3.37 -10.43 -23.34
C VAL A 462 -2.78 -11.77 -22.95
N ALA A 463 -2.57 -11.99 -21.65
CA ALA A 463 -2.16 -13.29 -21.12
C ALA A 463 -2.82 -13.51 -19.79
N THR A 464 -3.23 -14.76 -19.56
CA THR A 464 -3.71 -15.23 -18.26
C THR A 464 -2.78 -16.34 -17.80
N VAL A 465 -2.11 -16.11 -16.69
CA VAL A 465 -1.08 -17.01 -16.19
C VAL A 465 -1.62 -17.72 -14.95
N ASN A 466 -1.75 -19.05 -15.05
CA ASN A 466 -2.35 -19.83 -13.98
C ASN A 466 -1.36 -20.04 -12.84
N ILE A 467 -1.76 -19.67 -11.63
CA ILE A 467 -0.96 -19.92 -10.43
C ILE A 467 -1.58 -21.12 -9.72
N PRO A 468 -0.86 -22.24 -9.57
CA PRO A 468 -1.47 -23.45 -8.99
C PRO A 468 -1.52 -23.46 -7.47
N ILE A 469 -1.25 -22.31 -6.89
CA ILE A 469 -1.34 -22.03 -5.45
C ILE A 469 -2.40 -20.95 -5.29
N ARG A 470 -3.32 -21.13 -4.36
CA ARG A 470 -4.24 -20.07 -4.00
C ARG A 470 -3.47 -18.98 -3.25
N LEU A 471 -3.45 -17.77 -3.78
CA LEU A 471 -2.88 -16.64 -3.07
C LEU A 471 -3.93 -16.05 -2.14
N ARG A 472 -3.47 -15.52 -1.00
CA ARG A 472 -4.33 -14.82 -0.06
C ARG A 472 -4.46 -13.35 -0.47
N PHE A 473 -5.39 -12.67 0.19
CA PHE A 473 -5.56 -11.22 0.10
C PHE A 473 -4.21 -10.52 0.09
N GLY A 474 -3.98 -9.70 -0.93
CA GLY A 474 -2.73 -8.98 -1.03
C GLY A 474 -2.91 -7.53 -0.63
N LEU A 475 -1.78 -6.91 -0.26
CA LEU A 475 -1.74 -5.47 -0.08
C LEU A 475 -0.96 -4.90 -1.29
N HIS A 476 0.17 -4.26 -1.10
CA HIS A 476 0.75 -3.49 -2.21
C HIS A 476 1.89 -4.24 -2.88
N GLY A 477 2.13 -3.89 -4.14
CA GLY A 477 3.11 -4.59 -4.93
C GLY A 477 3.69 -3.65 -5.98
N ASN A 478 4.83 -4.07 -6.54
CA ASN A 478 5.61 -3.21 -7.43
C ASN A 478 6.42 -4.03 -8.42
N TRP A 479 6.74 -3.41 -9.55
CA TRP A 479 7.57 -3.98 -10.59
C TRP A 479 8.98 -3.43 -10.46
N ALA A 480 9.96 -4.26 -10.77
CA ALA A 480 11.32 -3.77 -11.00
C ALA A 480 11.90 -4.48 -12.22
N ASN A 481 12.68 -3.75 -13.00
CA ASN A 481 13.38 -4.34 -14.13
C ASN A 481 14.46 -5.30 -13.67
N ALA A 482 14.77 -6.27 -14.53
CA ALA A 482 15.75 -7.29 -14.18
C ALA A 482 17.07 -6.68 -13.74
N ASP A 483 17.48 -5.59 -14.37
CA ASP A 483 18.78 -5.04 -14.00
C ASP A 483 18.75 -4.32 -12.66
N GLU A 484 17.57 -4.18 -12.06
CA GLU A 484 17.47 -3.58 -10.74
C GLU A 484 17.47 -4.63 -9.64
N ILE A 485 17.43 -5.92 -9.99
CA ILE A 485 17.15 -6.96 -9.00
C ILE A 485 18.07 -8.14 -9.14
N GLY A 486 19.15 -7.99 -9.91
CA GLY A 486 20.14 -9.04 -10.06
C GLY A 486 19.65 -10.24 -10.86
N LEU A 487 18.68 -10.05 -11.78
CA LEU A 487 18.18 -11.12 -12.62
C LEU A 487 18.37 -10.84 -14.12
N ALA A 488 19.26 -9.93 -14.50
CA ALA A 488 19.38 -9.52 -15.91
C ALA A 488 20.02 -10.62 -16.75
FE FE B . -1.91 1.13 1.37
O1 OXY C . -3.14 -0.32 2.21
O2 OXY C . -2.42 -0.93 2.97
C1 STL D . -7.49 1.54 1.93
C2 STL D . -8.34 0.57 1.32
C3 STL D . -8.14 -0.77 1.57
C4 STL D . -7.11 -1.15 2.39
C5 STL D . -6.23 -0.18 2.97
C6 STL D . -6.44 1.16 2.77
C7 STL D . -5.13 -0.75 3.93
C8 STL D . -4.49 0.01 4.81
C9 STL D . -3.47 -0.64 5.82
C10 STL D . -3.24 0.07 7.02
C11 STL D . -2.40 -0.43 7.96
C12 STL D . -1.79 -1.66 7.78
C13 STL D . -2.04 -2.42 6.56
C14 STL D . -2.87 -1.91 5.62
O1 STL D . -0.92 -2.16 8.82
O2 STL D . -8.96 -1.71 0.99
O3 STL D . -7.73 2.87 1.65
H2 STL D . -9.18 0.92 0.65
H4 STL D . -6.96 -2.15 2.58
H6 STL D . -5.79 1.90 3.22
H7 STL D . -4.92 -1.80 3.91
H8 STL D . -4.73 1.13 4.88
H10 STL D . -3.71 1.02 7.17
H11 STL D . -2.22 0.09 8.82
H13 STL D . -1.57 -3.36 6.42
H14 STL D . -3.06 -2.46 4.74
HO1 STL D . -1.43 -2.59 9.47
HO2 STL D . -9.71 -1.27 0.58
HO3 STL D . -7.46 3.08 0.68
#